data_3MW4
#
_entry.id   3MW4
#
_cell.length_a   74.714
_cell.length_b   83.398
_cell.length_c   119.800
_cell.angle_alpha   90.00
_cell.angle_beta   90.00
_cell.angle_gamma   90.00
#
_symmetry.space_group_name_H-M   'P 21 21 21'
#
loop_
_entity.id
_entity.type
_entity.pdbx_description
1 polymer Neurexin-2-beta
2 branched 2-acetamido-2-deoxy-beta-D-glucopyranose-(1-4)-[beta-D-mannopyranose-(1-6)]2-acetamido-2-deoxy-beta-D-glucopyranose
3 non-polymer 'CALCIUM ION'
4 non-polymer 'SULFATE ION'
5 water water
#
_entity_poly.entity_id   1
_entity_poly.type   'polypeptide(L)'
_entity_poly.pdbx_seq_one_letter_code
;GPGSATYIFGKSGGLILYTWPANDRPSTRSDRLAVGFSTTVKDGILVRIDSAPGLGDFLQLHIEQGKIGVVFNIGTVDIS
IKEERTPVNDGKYHVVRFTRNGANATLQVDNWPVNEHYPTGRQLTIFNTQAQIAIGGKDKGRLFQGQLSGLYYDGLKVLN
MAAENNPNIKINGSVRLV
;
_entity_poly.pdbx_strand_id   A,B,C
#
loop_
_chem_comp.id
_chem_comp.type
_chem_comp.name
_chem_comp.formula
BMA D-saccharide, beta linking beta-D-mannopyranose 'C6 H12 O6'
CA non-polymer 'CALCIUM ION' 'Ca 2'
NAG D-saccharide, beta linking 2-acetamido-2-deoxy-beta-D-glucopyranose 'C8 H15 N O6'
SO4 non-polymer 'SULFATE ION' 'O4 S -2'
#
# COMPACT_ATOMS: atom_id res chain seq x y z
N GLY A 1 1.32 -1.66 0.97
CA GLY A 1 2.44 -0.74 1.37
C GLY A 1 3.84 -1.38 1.38
N PRO A 2 4.75 -0.81 2.18
CA PRO A 2 6.05 -1.44 2.48
C PRO A 2 5.88 -2.88 2.97
N GLY A 3 4.80 -3.15 3.67
CA GLY A 3 4.53 -4.47 4.22
C GLY A 3 4.01 -5.51 3.24
N SER A 4 3.48 -5.06 2.09
CA SER A 4 3.05 -5.96 1.01
C SER A 4 4.17 -6.93 0.71
N ALA A 5 3.85 -8.21 0.69
CA ALA A 5 4.83 -9.25 0.46
C ALA A 5 5.33 -9.17 -0.97
N THR A 6 6.64 -9.25 -1.12
CA THR A 6 7.27 -9.06 -2.41
C THR A 6 8.21 -10.22 -2.68
N TYR A 7 8.15 -10.76 -3.90
CA TYR A 7 8.98 -11.91 -4.26
C TYR A 7 9.81 -11.58 -5.50
N ILE A 8 11.06 -12.02 -5.52
CA ILE A 8 11.92 -11.90 -6.70
C ILE A 8 12.02 -13.25 -7.37
N PHE A 9 11.83 -13.24 -8.69
CA PHE A 9 11.97 -14.41 -9.54
C PHE A 9 13.24 -14.27 -10.38
N GLY A 10 14.11 -15.28 -10.30
CA GLY A 10 15.41 -15.23 -10.96
C GLY A 10 15.35 -15.72 -12.40
N LYS A 11 16.50 -15.70 -13.06
CA LYS A 11 16.57 -16.06 -14.47
C LYS A 11 16.15 -17.50 -14.76
N SER A 12 16.31 -18.41 -13.79
CA SER A 12 15.93 -19.80 -13.99
C SER A 12 14.44 -20.04 -13.82
N GLY A 13 13.75 -19.04 -13.26
CA GLY A 13 12.30 -19.07 -13.10
C GLY A 13 11.90 -19.83 -11.85
N GLY A 14 10.70 -19.54 -11.37
CA GLY A 14 10.15 -20.21 -10.21
C GLY A 14 8.64 -20.14 -10.25
N LEU A 15 8.02 -20.73 -9.23
CA LEU A 15 6.57 -20.74 -9.16
C LEU A 15 6.11 -20.67 -7.72
N ILE A 16 5.11 -19.82 -7.50
CA ILE A 16 4.34 -19.84 -6.27
C ILE A 16 2.95 -20.33 -6.64
N LEU A 17 2.50 -21.38 -5.97
CA LEU A 17 1.26 -22.04 -6.36
C LEU A 17 0.28 -22.12 -5.21
N TYR A 18 -0.83 -21.40 -5.35
CA TYR A 18 -1.92 -21.51 -4.42
C TYR A 18 -2.96 -22.50 -4.97
N THR A 19 -3.24 -23.55 -4.20
CA THR A 19 -4.24 -24.55 -4.53
C THR A 19 -5.39 -24.46 -3.51
N TRP A 20 -6.56 -24.05 -3.99
CA TRP A 20 -7.76 -24.00 -3.15
C TRP A 20 -8.07 -25.36 -2.57
N PRO A 21 -8.39 -25.42 -1.27
CA PRO A 21 -8.99 -26.64 -0.74
C PRO A 21 -10.24 -26.99 -1.57
N ALA A 22 -10.47 -28.28 -1.81
CA ALA A 22 -11.51 -28.74 -2.74
C ALA A 22 -12.87 -28.03 -2.62
N ASN A 23 -13.37 -27.92 -1.39
CA ASN A 23 -14.68 -27.33 -1.17
CA ASN A 23 -14.68 -27.32 -1.11
C ASN A 23 -14.69 -25.80 -1.21
N ASP A 24 -13.50 -25.20 -1.21
CA ASP A 24 -13.35 -23.72 -1.28
C ASP A 24 -13.18 -23.19 -2.71
N ARG A 25 -13.06 -24.09 -3.69
CA ARG A 25 -12.86 -23.68 -5.09
C ARG A 25 -13.98 -22.75 -5.56
N PRO A 26 -13.65 -21.50 -5.93
CA PRO A 26 -14.70 -20.52 -6.23
C PRO A 26 -15.22 -20.55 -7.66
N SER A 27 -16.44 -20.03 -7.81
CA SER A 27 -17.01 -19.75 -9.11
C SER A 27 -17.48 -18.31 -9.09
N THR A 28 -17.07 -17.52 -10.09
CA THR A 28 -17.34 -16.09 -10.08
C THR A 28 -17.90 -15.56 -11.40
N ARG A 29 -18.78 -14.56 -11.28
CA ARG A 29 -19.27 -13.78 -12.42
C ARG A 29 -18.39 -12.58 -12.70
N SER A 30 -17.59 -12.19 -11.71
CA SER A 30 -16.66 -11.09 -11.88
C SER A 30 -15.41 -11.33 -11.06
N ASP A 31 -14.30 -10.74 -11.52
CA ASP A 31 -13.02 -10.89 -10.88
C ASP A 31 -12.30 -9.56 -10.82
N ARG A 32 -11.38 -9.45 -9.86
CA ARG A 32 -10.49 -8.32 -9.77
CA ARG A 32 -10.50 -8.31 -9.71
C ARG A 32 -9.08 -8.85 -9.48
N LEU A 33 -8.14 -8.46 -10.32
CA LEU A 33 -6.75 -8.89 -10.22
C LEU A 33 -5.83 -7.66 -10.26
N ALA A 34 -4.92 -7.57 -9.29
CA ALA A 34 -3.89 -6.51 -9.33
C ALA A 34 -2.53 -6.98 -8.83
N VAL A 35 -1.46 -6.44 -9.41
CA VAL A 35 -0.11 -6.73 -8.93
C VAL A 35 0.85 -5.61 -9.30
N GLY A 36 1.80 -5.36 -8.41
CA GLY A 36 2.95 -4.51 -8.67
C GLY A 36 4.08 -5.38 -9.22
N PHE A 37 4.82 -4.85 -10.18
CA PHE A 37 5.88 -5.63 -10.82
C PHE A 37 6.97 -4.71 -11.35
N SER A 38 8.16 -5.29 -11.48
CA SER A 38 9.26 -4.66 -12.19
CA SER A 38 9.27 -4.66 -12.16
C SER A 38 10.00 -5.76 -12.93
N THR A 39 10.26 -5.51 -14.21
CA THR A 39 10.83 -6.51 -15.09
C THR A 39 11.40 -5.89 -16.36
N THR A 40 12.33 -6.61 -16.99
CA THR A 40 12.82 -6.26 -18.31
C THR A 40 12.53 -7.37 -19.34
N VAL A 41 11.83 -8.43 -18.93
CA VAL A 41 11.51 -9.56 -19.82
C VAL A 41 10.64 -9.12 -20.98
N LYS A 42 10.94 -9.63 -22.17
CA LYS A 42 10.09 -9.39 -23.34
C LYS A 42 8.84 -10.26 -23.28
N ASP A 43 8.93 -11.38 -22.57
CA ASP A 43 7.86 -12.37 -22.52
C ASP A 43 7.85 -13.10 -21.18
N GLY A 44 6.66 -13.26 -20.62
CA GLY A 44 6.51 -14.03 -19.39
C GLY A 44 5.11 -14.01 -18.87
N ILE A 45 4.69 -15.12 -18.26
CA ILE A 45 3.40 -15.16 -17.57
C ILE A 45 3.64 -14.83 -16.11
N LEU A 46 2.89 -13.84 -15.61
CA LEU A 46 3.01 -13.39 -14.22
C LEU A 46 2.11 -14.22 -13.32
N VAL A 47 0.85 -14.34 -13.71
CA VAL A 47 -0.15 -15.06 -12.91
C VAL A 47 -1.13 -15.75 -13.86
N ARG A 48 -1.43 -17.01 -13.56
CA ARG A 48 -2.51 -17.73 -14.23
C ARG A 48 -3.36 -18.51 -13.23
N ILE A 49 -4.67 -18.29 -13.32
CA ILE A 49 -5.65 -19.03 -12.56
C ILE A 49 -6.29 -20.06 -13.49
N ASP A 50 -6.31 -21.32 -13.06
CA ASP A 50 -6.92 -22.40 -13.84
C ASP A 50 -8.04 -23.06 -13.06
N SER A 51 -9.09 -23.44 -13.78
CA SER A 51 -10.17 -24.26 -13.22
CA SER A 51 -10.17 -24.27 -13.23
C SER A 51 -9.71 -25.71 -13.00
N ALA A 52 -10.56 -26.49 -12.35
CA ALA A 52 -10.30 -27.91 -12.08
C ALA A 52 -10.09 -28.69 -13.38
N PRO A 53 -9.36 -29.83 -13.31
CA PRO A 53 -9.13 -30.65 -14.52
C PRO A 53 -10.40 -30.99 -15.29
N GLY A 54 -10.33 -30.88 -16.62
CA GLY A 54 -11.47 -31.16 -17.48
C GLY A 54 -12.28 -29.94 -17.83
N LEU A 55 -12.12 -28.87 -17.06
CA LEU A 55 -12.75 -27.59 -17.38
C LEU A 55 -11.67 -26.70 -18.01
N GLY A 56 -12.03 -26.01 -19.08
CA GLY A 56 -11.08 -25.21 -19.83
C GLY A 56 -10.87 -23.79 -19.36
N ASP A 57 -11.64 -23.35 -18.35
CA ASP A 57 -11.60 -21.96 -17.90
C ASP A 57 -10.22 -21.58 -17.34
N PHE A 58 -9.78 -20.37 -17.66
CA PHE A 58 -8.54 -19.84 -17.13
C PHE A 58 -8.53 -18.31 -17.23
N LEU A 59 -7.60 -17.70 -16.51
CA LEU A 59 -7.38 -16.26 -16.53
C LEU A 59 -5.88 -16.06 -16.40
N GLN A 60 -5.26 -15.43 -17.40
CA GLN A 60 -3.80 -15.35 -17.48
C GLN A 60 -3.33 -13.91 -17.68
N LEU A 61 -2.53 -13.41 -16.74
CA LEU A 61 -1.87 -12.11 -16.85
C LEU A 61 -0.44 -12.35 -17.35
N HIS A 62 -0.08 -11.71 -18.47
CA HIS A 62 1.20 -12.00 -19.08
C HIS A 62 1.79 -10.80 -19.84
N ILE A 63 3.07 -10.91 -20.16
CA ILE A 63 3.76 -9.93 -21.00
C ILE A 63 4.14 -10.60 -22.32
N GLU A 64 3.86 -9.92 -23.43
CA GLU A 64 4.21 -10.40 -24.77
C GLU A 64 4.80 -9.23 -25.54
N GLN A 65 6.01 -9.41 -26.06
CA GLN A 65 6.77 -8.33 -26.69
C GLN A 65 6.80 -7.06 -25.81
N GLY A 66 7.00 -7.26 -24.51
CA GLY A 66 7.16 -6.14 -23.57
C GLY A 66 5.87 -5.49 -23.13
N LYS A 67 4.76 -5.95 -23.71
CA LYS A 67 3.45 -5.38 -23.41
C LYS A 67 2.59 -6.32 -22.59
N ILE A 68 1.95 -5.75 -21.57
CA ILE A 68 1.17 -6.52 -20.60
C ILE A 68 -0.29 -6.61 -21.01
N GLY A 69 -0.88 -7.78 -20.76
CA GLY A 69 -2.26 -8.05 -21.14
C GLY A 69 -2.83 -9.19 -20.31
N VAL A 70 -4.13 -9.38 -20.42
CA VAL A 70 -4.80 -10.54 -19.81
C VAL A 70 -5.52 -11.28 -20.94
N VAL A 71 -5.36 -12.60 -20.96
CA VAL A 71 -6.18 -13.48 -21.80
C VAL A 71 -6.94 -14.40 -20.86
N PHE A 72 -8.23 -14.59 -21.12
CA PHE A 72 -9.04 -15.46 -20.28
C PHE A 72 -10.07 -16.22 -21.11
N ASN A 73 -10.64 -17.26 -20.51
CA ASN A 73 -11.65 -18.08 -21.15
C ASN A 73 -12.60 -18.53 -20.06
N ILE A 74 -13.87 -18.20 -20.22
CA ILE A 74 -14.91 -18.60 -19.26
C ILE A 74 -15.90 -19.59 -19.90
N GLY A 75 -15.46 -20.26 -20.97
CA GLY A 75 -16.22 -21.34 -21.55
C GLY A 75 -16.58 -21.19 -23.02
N THR A 76 -16.21 -20.06 -23.62
CA THR A 76 -16.40 -19.89 -25.06
C THR A 76 -15.10 -19.95 -25.88
N VAL A 77 -14.43 -18.81 -26.05
CA VAL A 77 -13.15 -18.73 -26.75
C VAL A 77 -12.28 -17.79 -25.91
N ASP A 78 -10.97 -17.76 -26.18
CA ASP A 78 -10.07 -16.86 -25.47
C ASP A 78 -10.45 -15.41 -25.73
N ILE A 79 -10.56 -14.63 -24.65
CA ILE A 79 -10.87 -13.21 -24.73
C ILE A 79 -9.63 -12.47 -24.23
N SER A 80 -9.14 -11.52 -25.02
CA SER A 80 -7.89 -10.82 -24.73
CA SER A 80 -7.90 -10.83 -24.70
C SER A 80 -8.08 -9.31 -24.55
N ILE A 81 -7.33 -8.74 -23.62
CA ILE A 81 -7.27 -7.29 -23.44
C ILE A 81 -5.81 -6.95 -23.14
N LYS A 82 -5.31 -5.89 -23.76
CA LYS A 82 -3.89 -5.61 -23.72
C LYS A 82 -3.61 -4.11 -23.65
N GLU A 83 -2.58 -3.74 -22.90
CA GLU A 83 -2.03 -2.40 -22.97
C GLU A 83 -1.07 -2.36 -24.17
N GLU A 84 -1.58 -1.92 -25.31
CA GLU A 84 -0.84 -1.99 -26.59
C GLU A 84 0.00 -0.76 -26.87
N ARG A 85 -0.30 0.33 -26.17
CA ARG A 85 0.32 1.61 -26.47
C ARG A 85 1.74 1.74 -25.95
N THR A 86 1.98 1.26 -24.73
CA THR A 86 3.25 1.47 -24.06
C THR A 86 3.75 0.19 -23.40
N PRO A 87 5.01 -0.20 -23.68
CA PRO A 87 5.62 -1.38 -23.04
C PRO A 87 5.83 -1.15 -21.54
N VAL A 88 5.86 -2.24 -20.78
CA VAL A 88 6.04 -2.17 -19.31
C VAL A 88 7.34 -2.84 -18.82
N ASN A 89 8.14 -3.34 -19.75
CA ASN A 89 9.39 -4.01 -19.42
C ASN A 89 10.59 -3.08 -19.38
N ASP A 90 10.39 -1.90 -18.78
CA ASP A 90 11.43 -0.87 -18.72
C ASP A 90 12.24 -0.97 -17.42
N GLY A 91 11.95 -1.98 -16.60
CA GLY A 91 12.64 -2.20 -15.34
C GLY A 91 12.23 -1.19 -14.28
N LYS A 92 11.07 -0.58 -14.46
CA LYS A 92 10.53 0.35 -13.47
C LYS A 92 9.33 -0.31 -12.81
N TYR A 93 9.05 0.07 -11.56
CA TYR A 93 7.90 -0.47 -10.86
C TYR A 93 6.60 0.06 -11.48
N HIS A 94 5.67 -0.86 -11.78
CA HIS A 94 4.35 -0.50 -12.27
C HIS A 94 3.32 -1.28 -11.48
N VAL A 95 2.09 -0.78 -11.50
CA VAL A 95 0.95 -1.56 -11.03
C VAL A 95 0.04 -1.83 -12.22
N VAL A 96 -0.38 -3.09 -12.36
CA VAL A 96 -1.35 -3.47 -13.37
C VAL A 96 -2.62 -3.89 -12.66
N ARG A 97 -3.75 -3.39 -13.15
CA ARG A 97 -5.08 -3.65 -12.58
CA ARG A 97 -5.06 -3.67 -12.56
C ARG A 97 -6.01 -4.18 -13.64
N PHE A 98 -6.69 -5.28 -13.34
CA PHE A 98 -7.62 -5.94 -14.26
C PHE A 98 -8.94 -6.21 -13.56
N THR A 99 -10.04 -5.98 -14.28
CA THR A 99 -11.36 -6.46 -13.84
C THR A 99 -12.02 -7.24 -14.96
N ARG A 100 -12.89 -8.16 -14.56
CA ARG A 100 -13.70 -8.95 -15.47
C ARG A 100 -15.12 -8.93 -14.94
N ASN A 101 -16.09 -8.76 -15.84
CA ASN A 101 -17.51 -8.87 -15.51
C ASN A 101 -18.13 -9.66 -16.64
N GLY A 102 -18.38 -10.95 -16.40
CA GLY A 102 -18.69 -11.88 -17.48
C GLY A 102 -17.61 -11.94 -18.54
N ALA A 103 -17.96 -11.60 -19.78
CA ALA A 103 -16.99 -11.56 -20.88
C ALA A 103 -16.30 -10.19 -21.03
N ASN A 104 -16.80 -9.18 -20.29
CA ASN A 104 -16.26 -7.82 -20.35
C ASN A 104 -15.03 -7.68 -19.47
N ALA A 105 -14.13 -6.78 -19.84
CA ALA A 105 -12.93 -6.57 -19.04
C ALA A 105 -12.39 -5.17 -19.10
N THR A 106 -11.55 -4.82 -18.12
CA THR A 106 -10.82 -3.57 -18.12
C THR A 106 -9.38 -3.87 -17.75
N LEU A 107 -8.48 -3.00 -18.16
CA LEU A 107 -7.07 -3.15 -17.82
C LEU A 107 -6.42 -1.79 -17.78
N GLN A 108 -5.77 -1.50 -16.66
CA GLN A 108 -5.03 -0.26 -16.52
C GLN A 108 -3.64 -0.59 -15.99
N VAL A 109 -2.64 0.10 -16.53
CA VAL A 109 -1.31 0.17 -15.94
C VAL A 109 -1.15 1.54 -15.30
N ASP A 110 -0.67 1.58 -14.06
CA ASP A 110 -0.43 2.83 -13.34
C ASP A 110 -1.65 3.76 -13.44
N ASN A 111 -1.48 4.97 -13.94
CA ASN A 111 -2.58 5.91 -14.14
C ASN A 111 -2.87 6.17 -15.63
N TRP A 112 -2.44 5.25 -16.49
CA TRP A 112 -2.59 5.41 -17.93
C TRP A 112 -4.05 5.27 -18.34
N PRO A 113 -4.42 5.80 -19.53
CA PRO A 113 -5.79 5.60 -19.98
C PRO A 113 -6.21 4.14 -19.86
N VAL A 114 -7.44 3.91 -19.41
CA VAL A 114 -7.93 2.58 -19.15
C VAL A 114 -8.29 1.88 -20.46
N ASN A 115 -7.90 0.61 -20.57
CA ASN A 115 -8.34 -0.25 -21.66
C ASN A 115 -9.65 -0.92 -21.28
N GLU A 116 -10.60 -0.94 -22.21
CA GLU A 116 -11.88 -1.62 -21.99
C GLU A 116 -12.25 -2.50 -23.17
N HIS A 117 -12.87 -3.64 -22.90
CA HIS A 117 -13.28 -4.58 -23.93
C HIS A 117 -14.66 -5.15 -23.61
N TYR A 118 -15.60 -4.97 -24.54
CA TYR A 118 -16.96 -5.48 -24.40
C TYR A 118 -17.35 -6.35 -25.60
N PRO A 119 -17.09 -7.67 -25.52
CA PRO A 119 -17.46 -8.56 -26.61
C PRO A 119 -18.96 -8.47 -26.93
N THR A 120 -19.29 -8.57 -28.22
CA THR A 120 -20.66 -8.42 -28.68
C THR A 120 -21.38 -9.78 -28.71
N GLY A 121 -22.70 -9.73 -28.70
CA GLY A 121 -23.54 -10.93 -28.82
C GLY A 121 -23.61 -11.72 -27.53
N ARG A 122 -24.16 -12.92 -27.64
CA ARG A 122 -24.40 -13.77 -26.47
C ARG A 122 -23.08 -14.25 -25.89
N GLN A 123 -22.96 -14.15 -24.57
CA GLN A 123 -21.74 -14.51 -23.85
C GLN A 123 -22.09 -15.38 -22.64
N LEU A 124 -21.11 -16.16 -22.16
CA LEU A 124 -21.21 -16.79 -20.85
C LEU A 124 -20.75 -15.77 -19.80
N THR A 125 -20.84 -16.12 -18.51
CA THR A 125 -20.53 -15.18 -17.43
CA THR A 125 -20.48 -15.17 -17.44
C THR A 125 -19.58 -15.75 -16.37
N ILE A 126 -19.71 -17.05 -16.09
CA ILE A 126 -19.04 -17.66 -14.93
C ILE A 126 -17.68 -18.26 -15.23
N PHE A 127 -16.69 -17.85 -14.43
CA PHE A 127 -15.37 -18.51 -14.30
C PHE A 127 -15.57 -19.65 -13.30
N ASN A 128 -15.69 -20.87 -13.85
CA ASN A 128 -16.20 -22.03 -13.11
CA ASN A 128 -16.19 -22.04 -13.11
C ASN A 128 -15.13 -22.82 -12.36
N THR A 129 -15.39 -23.09 -11.07
CA THR A 129 -14.56 -23.99 -10.24
C THR A 129 -13.06 -23.76 -10.38
N GLN A 130 -12.62 -22.60 -9.90
CA GLN A 130 -11.21 -22.23 -9.95
C GLN A 130 -10.43 -23.07 -8.93
N ALA A 131 -9.33 -23.67 -9.40
CA ALA A 131 -8.61 -24.70 -8.65
C ALA A 131 -7.22 -24.29 -8.17
N GLN A 132 -6.54 -23.44 -8.94
CA GLN A 132 -5.18 -23.04 -8.61
C GLN A 132 -4.79 -21.67 -9.15
N ILE A 133 -3.91 -21.00 -8.42
CA ILE A 133 -3.28 -19.76 -8.85
C ILE A 133 -1.79 -20.03 -8.97
N ALA A 134 -1.29 -20.03 -10.21
CA ALA A 134 0.14 -20.20 -10.48
C ALA A 134 0.78 -18.84 -10.77
N ILE A 135 1.80 -18.52 -9.99
CA ILE A 135 2.49 -17.24 -10.10
C ILE A 135 3.94 -17.47 -10.55
N GLY A 136 4.37 -16.79 -11.62
CA GLY A 136 5.76 -16.93 -12.10
C GLY A 136 5.96 -17.54 -13.47
N GLY A 137 4.91 -18.17 -13.99
CA GLY A 137 4.88 -18.65 -15.39
C GLY A 137 5.74 -19.84 -15.76
N LYS A 138 6.51 -20.36 -14.81
CA LYS A 138 7.48 -21.43 -15.07
C LYS A 138 6.83 -22.72 -15.59
N ASP A 139 5.67 -23.05 -15.04
CA ASP A 139 4.93 -24.26 -15.41
C ASP A 139 4.52 -24.27 -16.89
N LYS A 140 4.32 -23.09 -17.46
CA LYS A 140 3.91 -22.96 -18.86
C LYS A 140 5.08 -22.64 -19.80
N GLY A 141 6.30 -22.65 -19.26
CA GLY A 141 7.51 -22.43 -20.06
C GLY A 141 7.69 -21.00 -20.53
N ARG A 142 7.02 -20.08 -19.84
CA ARG A 142 7.16 -18.65 -20.11
C ARG A 142 7.47 -17.97 -18.79
N LEU A 143 8.66 -18.22 -18.26
CA LEU A 143 8.99 -17.76 -16.90
C LEU A 143 9.03 -16.23 -16.78
N PHE A 144 8.52 -15.74 -15.66
CA PHE A 144 8.66 -14.33 -15.32
C PHE A 144 9.98 -14.14 -14.58
N GLN A 145 10.73 -13.12 -14.97
CA GLN A 145 11.94 -12.73 -14.26
C GLN A 145 11.78 -11.30 -13.79
N GLY A 146 11.91 -11.09 -12.48
CA GLY A 146 11.74 -9.76 -11.94
C GLY A 146 11.09 -9.80 -10.58
N GLN A 147 10.44 -8.70 -10.23
CA GLN A 147 9.85 -8.52 -8.91
C GLN A 147 8.34 -8.46 -8.99
N LEU A 148 7.67 -9.20 -8.11
CA LEU A 148 6.20 -9.14 -7.95
C LEU A 148 5.87 -8.72 -6.54
N SER A 149 4.89 -7.83 -6.39
CA SER A 149 4.56 -7.25 -5.09
CA SER A 149 4.55 -7.29 -5.08
C SER A 149 3.06 -7.06 -4.92
N GLY A 150 2.53 -7.46 -3.76
CA GLY A 150 1.15 -7.16 -3.38
C GLY A 150 0.09 -7.68 -4.31
N LEU A 151 0.28 -8.92 -4.79
CA LEU A 151 -0.70 -9.53 -5.67
C LEU A 151 -2.05 -9.66 -4.97
N TYR A 152 -3.10 -9.22 -5.65
CA TYR A 152 -4.45 -9.29 -5.11
C TYR A 152 -5.32 -9.99 -6.14
N TYR A 153 -5.99 -11.05 -5.73
CA TYR A 153 -6.96 -11.71 -6.61
C TYR A 153 -8.21 -12.07 -5.85
N ASP A 154 -9.31 -11.41 -6.20
CA ASP A 154 -10.61 -11.68 -5.58
C ASP A 154 -10.55 -11.79 -4.06
N GLY A 155 -9.87 -10.83 -3.43
CA GLY A 155 -9.84 -10.79 -1.96
C GLY A 155 -8.62 -11.48 -1.37
N LEU A 156 -7.95 -12.31 -2.16
CA LEU A 156 -6.77 -13.05 -1.71
C LEU A 156 -5.49 -12.27 -1.97
N LYS A 157 -4.75 -11.98 -0.90
CA LYS A 157 -3.42 -11.41 -1.01
C LYS A 157 -2.45 -12.60 -1.02
N VAL A 158 -2.29 -13.16 -2.21
CA VAL A 158 -1.61 -14.46 -2.37
C VAL A 158 -0.16 -14.44 -1.95
N LEU A 159 0.57 -13.37 -2.28
CA LEU A 159 1.96 -13.24 -1.84
C LEU A 159 2.08 -13.08 -0.32
N ASN A 160 1.12 -12.37 0.30
CA ASN A 160 1.05 -12.32 1.77
C ASN A 160 0.81 -13.71 2.36
N MET A 161 -0.06 -14.48 1.72
CA MET A 161 -0.33 -15.85 2.15
C MET A 161 0.91 -16.75 2.01
N ALA A 162 1.66 -16.56 0.91
CA ALA A 162 2.92 -17.26 0.71
C ALA A 162 3.91 -16.91 1.83
N ALA A 163 4.05 -15.61 2.11
CA ALA A 163 4.97 -15.12 3.14
C ALA A 163 4.61 -15.61 4.55
N GLU A 164 3.34 -15.90 4.78
CA GLU A 164 2.84 -16.38 6.07
C GLU A 164 2.80 -17.89 6.17
N ASN A 165 3.40 -18.58 5.19
CA ASN A 165 3.46 -20.05 5.13
C ASN A 165 2.08 -20.71 5.15
N ASN A 166 1.16 -20.16 4.37
CA ASN A 166 -0.17 -20.74 4.18
C ASN A 166 -0.01 -22.18 3.69
N PRO A 167 -0.69 -23.15 4.34
CA PRO A 167 -0.51 -24.57 4.03
C PRO A 167 -0.95 -24.99 2.61
N ASN A 168 -1.65 -24.10 1.91
CA ASN A 168 -2.07 -24.35 0.53
C ASN A 168 -1.19 -23.69 -0.53
N ILE A 169 -0.06 -23.14 -0.09
CA ILE A 169 0.96 -22.58 -0.97
C ILE A 169 2.15 -23.54 -1.11
N LYS A 170 2.58 -23.74 -2.35
CA LYS A 170 3.84 -24.43 -2.64
C LYS A 170 4.74 -23.46 -3.40
N ILE A 171 6.02 -23.44 -3.04
CA ILE A 171 6.98 -22.56 -3.70
C ILE A 171 8.16 -23.42 -4.14
N ASN A 172 8.56 -23.26 -5.40
CA ASN A 172 9.68 -24.01 -6.00
CA ASN A 172 9.78 -23.91 -5.86
C ASN A 172 10.50 -23.16 -6.97
N GLY A 173 11.74 -23.55 -7.24
CA GLY A 173 12.54 -22.88 -8.23
C GLY A 173 13.15 -21.59 -7.72
N SER A 174 13.52 -20.72 -8.66
CA SER A 174 14.29 -19.53 -8.34
C SER A 174 13.36 -18.38 -7.94
N VAL A 175 12.91 -18.42 -6.70
CA VAL A 175 12.02 -17.39 -6.16
C VAL A 175 12.32 -17.20 -4.67
N ARG A 176 12.29 -15.93 -4.26
CA ARG A 176 12.75 -15.56 -2.93
C ARG A 176 11.90 -14.42 -2.39
N LEU A 177 11.46 -14.57 -1.15
CA LEU A 177 10.81 -13.49 -0.42
C LEU A 177 11.83 -12.38 -0.11
N VAL A 178 11.45 -11.12 -0.34
CA VAL A 178 12.30 -9.99 0.09
C VAL A 178 11.56 -9.07 1.07
N GLY B 1 -0.87 1.51 1.75
CA GLY B 1 -1.80 2.41 1.01
C GLY B 1 -1.79 3.84 1.52
N PRO B 2 -2.55 4.74 0.86
CA PRO B 2 -2.66 6.14 1.24
C PRO B 2 -2.99 6.36 2.72
N GLY B 3 -3.78 5.47 3.32
CA GLY B 3 -4.18 5.61 4.72
C GLY B 3 -3.21 5.11 5.77
N SER B 4 -2.17 4.40 5.32
CA SER B 4 -1.16 3.84 6.24
C SER B 4 -0.45 4.96 7.00
N ALA B 5 -0.33 4.79 8.32
CA ALA B 5 0.10 5.88 9.20
C ALA B 5 1.50 6.36 8.84
N THR B 6 1.66 7.69 8.83
CA THR B 6 2.91 8.32 8.50
C THR B 6 3.28 9.33 9.58
N TYR B 7 4.55 9.32 9.99
CA TYR B 7 5.06 10.27 11.01
C TYR B 7 6.24 11.07 10.49
N ILE B 8 6.29 12.34 10.90
CA ILE B 8 7.42 13.22 10.63
C ILE B 8 8.27 13.36 11.89
N PHE B 9 9.57 13.11 11.73
CA PHE B 9 10.54 13.25 12.79
C PHE B 9 11.31 14.55 12.56
N GLY B 10 11.22 15.44 13.55
CA GLY B 10 11.77 16.79 13.41
C GLY B 10 13.26 16.89 13.64
N LYS B 11 13.79 18.10 13.48
CA LYS B 11 15.21 18.40 13.67
C LYS B 11 15.78 17.92 15.00
N SER B 12 15.05 18.18 16.09
CA SER B 12 15.50 17.79 17.43
C SER B 12 15.28 16.30 17.70
N GLY B 13 14.62 15.63 16.76
CA GLY B 13 14.45 14.19 16.83
C GLY B 13 13.36 13.75 17.78
N GLY B 14 12.93 12.50 17.63
CA GLY B 14 11.94 11.93 18.52
C GLY B 14 12.02 10.44 18.58
N LEU B 15 11.09 9.83 19.32
CA LEU B 15 11.05 8.39 19.47
C LEU B 15 9.61 7.88 19.55
N ILE B 16 9.34 6.85 18.78
CA ILE B 16 8.16 6.02 18.98
C ILE B 16 8.66 4.68 19.51
N LEU B 17 8.16 4.30 20.68
CA LEU B 17 8.62 3.09 21.34
C LEU B 17 7.50 2.08 21.55
N TYR B 18 7.65 0.90 20.97
CA TYR B 18 6.73 -0.21 21.24
C TYR B 18 7.38 -1.20 22.19
N THR B 19 6.70 -1.48 23.30
CA THR B 19 7.16 -2.44 24.29
C THR B 19 6.17 -3.59 24.37
N TRP B 20 6.60 -4.80 23.99
CA TRP B 20 5.77 -6.00 24.11
C TRP B 20 5.37 -6.20 25.57
N PRO B 21 4.09 -6.55 25.80
CA PRO B 21 3.72 -7.07 27.12
C PRO B 21 4.65 -8.25 27.43
N ALA B 22 5.08 -8.37 28.69
CA ALA B 22 6.21 -9.24 29.04
C ALA B 22 6.06 -10.67 28.53
N ASN B 23 4.86 -11.22 28.66
CA ASN B 23 4.61 -12.59 28.23
C ASN B 23 4.47 -12.76 26.71
N ASP B 24 4.32 -11.64 25.97
CA ASP B 24 4.18 -11.68 24.52
C ASP B 24 5.49 -11.48 23.75
N ARG B 25 6.58 -11.26 24.49
CA ARG B 25 7.92 -11.10 23.90
C ARG B 25 8.24 -12.29 22.99
N PRO B 26 8.36 -12.05 21.67
CA PRO B 26 8.53 -13.17 20.74
C PRO B 26 9.99 -13.60 20.52
N SER B 27 10.16 -14.87 20.18
CA SER B 27 11.45 -15.39 19.75
C SER B 27 11.22 -15.98 18.37
N THR B 28 12.01 -15.55 17.39
CA THR B 28 11.79 -15.94 16.01
C THR B 28 13.00 -16.54 15.29
N ARG B 29 12.70 -17.42 14.34
CA ARG B 29 13.70 -18.00 13.45
CA ARG B 29 13.67 -18.03 13.44
C ARG B 29 13.88 -17.11 12.23
N SER B 30 12.84 -16.36 11.90
CA SER B 30 12.89 -15.45 10.76
C SER B 30 12.17 -14.14 11.06
N ASP B 31 12.64 -13.06 10.46
CA ASP B 31 11.98 -11.76 10.60
C ASP B 31 11.82 -11.10 9.25
N ARG B 32 10.82 -10.23 9.17
CA ARG B 32 10.62 -9.42 7.98
CA ARG B 32 10.60 -9.42 7.98
C ARG B 32 10.35 -7.99 8.42
N LEU B 33 11.13 -7.06 7.86
CA LEU B 33 11.05 -5.64 8.21
C LEU B 33 10.98 -4.78 6.93
N ALA B 34 10.05 -3.82 6.92
CA ALA B 34 9.91 -2.90 5.81
C ALA B 34 9.35 -1.57 6.29
N VAL B 35 9.81 -0.49 5.68
CA VAL B 35 9.33 0.87 5.99
C VAL B 35 9.56 1.76 4.76
N GLY B 36 8.67 2.71 4.57
CA GLY B 36 8.85 3.78 3.58
C GLY B 36 9.46 4.97 4.32
N PHE B 37 10.35 5.69 3.65
CA PHE B 37 11.03 6.82 4.28
C PHE B 37 11.45 7.87 3.25
N SER B 38 11.61 9.10 3.74
CA SER B 38 12.21 10.19 2.99
CA SER B 38 12.19 10.22 2.99
C SER B 38 13.10 10.95 3.95
N THR B 39 14.35 11.18 3.54
CA THR B 39 15.30 11.81 4.45
C THR B 39 16.48 12.40 3.71
N THR B 40 17.15 13.36 4.34
CA THR B 40 18.43 13.86 3.86
C THR B 40 19.58 13.63 4.84
N VAL B 41 19.34 12.89 5.93
CA VAL B 41 20.37 12.67 6.96
C VAL B 41 21.52 11.83 6.44
N LYS B 42 22.73 12.23 6.79
CA LYS B 42 23.91 11.46 6.46
C LYS B 42 23.93 10.20 7.33
N ASP B 43 23.47 10.34 8.57
CA ASP B 43 23.56 9.27 9.57
CA ASP B 43 23.56 9.28 9.56
C ASP B 43 22.32 9.27 10.46
N GLY B 44 21.77 8.10 10.72
CA GLY B 44 20.65 8.01 11.66
C GLY B 44 20.09 6.61 11.79
N ILE B 45 19.60 6.29 12.99
CA ILE B 45 18.92 5.01 13.18
C ILE B 45 17.42 5.20 12.95
N LEU B 46 16.84 4.37 12.08
CA LEU B 46 15.42 4.42 11.79
C LEU B 46 14.61 3.54 12.75
N VAL B 47 15.03 2.28 12.89
CA VAL B 47 14.33 1.29 13.72
C VAL B 47 15.37 0.41 14.41
N ARG B 48 15.18 0.15 15.71
CA ARG B 48 15.99 -0.83 16.41
C ARG B 48 15.14 -1.70 17.35
N ILE B 49 15.22 -3.00 17.13
CA ILE B 49 14.58 -3.98 18.00
C ILE B 49 15.65 -4.54 18.91
N ASP B 50 15.37 -4.49 20.22
CA ASP B 50 16.24 -5.06 21.23
C ASP B 50 15.55 -6.18 22.00
N SER B 51 16.32 -7.21 22.31
CA SER B 51 15.87 -8.29 23.18
CA SER B 51 15.87 -8.29 23.18
C SER B 51 15.84 -7.82 24.64
N ALA B 52 15.20 -8.61 25.50
CA ALA B 52 15.16 -8.33 26.93
C ALA B 52 16.59 -8.20 27.47
N PRO B 53 16.79 -7.32 28.47
CA PRO B 53 18.12 -7.17 29.08
C PRO B 53 18.74 -8.52 29.46
N GLY B 54 20.02 -8.69 29.14
CA GLY B 54 20.76 -9.91 29.42
C GLY B 54 20.94 -10.85 28.23
N LEU B 55 20.14 -10.66 27.19
CA LEU B 55 20.19 -11.51 26.00
C LEU B 55 21.12 -10.97 24.91
N GLY B 56 21.14 -9.65 24.75
CA GLY B 56 22.10 -9.02 23.86
C GLY B 56 21.67 -8.87 22.41
N ASP B 57 20.70 -9.70 21.98
CA ASP B 57 20.26 -9.72 20.59
C ASP B 57 19.65 -8.39 20.19
N PHE B 58 19.83 -8.03 18.93
CA PHE B 58 19.28 -6.78 18.40
C PHE B 58 19.19 -6.84 16.88
N LEU B 59 18.37 -5.96 16.32
CA LEU B 59 18.23 -5.81 14.89
C LEU B 59 18.02 -4.32 14.65
N GLN B 60 18.95 -3.73 13.91
CA GLN B 60 19.01 -2.28 13.73
C GLN B 60 19.03 -1.87 12.25
N LEU B 61 18.02 -1.11 11.85
CA LEU B 61 17.96 -0.50 10.52
C LEU B 61 18.47 0.94 10.62
N HIS B 62 19.51 1.26 9.86
CA HIS B 62 20.13 2.58 9.97
C HIS B 62 20.69 3.10 8.66
N ILE B 63 20.98 4.40 8.64
CA ILE B 63 21.67 5.02 7.53
C ILE B 63 23.05 5.47 8.03
N GLU B 64 24.08 5.15 7.26
CA GLU B 64 25.47 5.52 7.56
C GLU B 64 26.08 6.02 6.27
N GLN B 65 26.64 7.23 6.32
CA GLN B 65 27.18 7.91 5.13
CA GLN B 65 27.18 7.90 5.12
C GLN B 65 26.14 7.93 4.00
N GLY B 66 24.89 8.20 4.36
CA GLY B 66 23.81 8.31 3.39
C GLY B 66 23.26 7.00 2.86
N LYS B 67 23.84 5.88 3.31
CA LYS B 67 23.48 4.55 2.80
C LYS B 67 22.79 3.68 3.84
N ILE B 68 21.72 3.00 3.42
CA ILE B 68 20.87 2.26 4.33
C ILE B 68 21.35 0.81 4.47
N GLY B 69 21.20 0.28 5.69
CA GLY B 69 21.62 -1.08 6.01
C GLY B 69 21.03 -1.60 7.30
N VAL B 70 21.27 -2.88 7.56
CA VAL B 70 20.83 -3.51 8.79
C VAL B 70 22.03 -4.21 9.43
N VAL B 71 22.18 -4.01 10.73
CA VAL B 71 23.13 -4.79 11.51
C VAL B 71 22.33 -5.51 12.59
N PHE B 72 22.57 -6.81 12.73
CA PHE B 72 21.90 -7.57 13.77
C PHE B 72 22.85 -8.56 14.45
N ASN B 73 22.44 -9.01 15.63
CA ASN B 73 23.18 -9.97 16.40
C ASN B 73 22.15 -10.89 17.06
N ILE B 74 22.29 -12.19 16.81
CA ILE B 74 21.42 -13.19 17.43
C ILE B 74 22.22 -14.20 18.26
N GLY B 75 23.37 -13.76 18.75
CA GLY B 75 24.13 -14.46 19.79
C GLY B 75 25.50 -14.95 19.41
N THR B 76 25.87 -14.75 18.14
CA THR B 76 27.16 -15.26 17.64
C THR B 76 28.12 -14.10 17.34
N VAL B 77 27.69 -13.21 16.44
CA VAL B 77 28.51 -12.11 15.96
C VAL B 77 27.55 -11.10 15.34
N ASP B 78 27.97 -9.83 15.26
CA ASP B 78 27.22 -8.83 14.52
C ASP B 78 27.24 -9.21 13.04
N ILE B 79 26.05 -9.22 12.43
CA ILE B 79 25.91 -9.50 11.00
CA ILE B 79 25.93 -9.49 11.00
C ILE B 79 25.35 -8.25 10.33
N SER B 80 26.06 -7.79 9.29
CA SER B 80 25.70 -6.56 8.59
CA SER B 80 25.71 -6.56 8.58
C SER B 80 25.34 -6.80 7.11
N ILE B 81 24.35 -6.07 6.63
CA ILE B 81 23.98 -6.06 5.22
C ILE B 81 23.63 -4.61 4.86
N LYS B 82 24.16 -4.13 3.73
CA LYS B 82 24.05 -2.72 3.37
C LYS B 82 23.76 -2.56 1.88
N GLU B 83 22.92 -1.58 1.55
CA GLU B 83 22.83 -1.10 0.19
C GLU B 83 24.00 -0.17 -0.06
N GLU B 84 25.07 -0.74 -0.62
CA GLU B 84 26.38 -0.08 -0.75
C GLU B 84 26.51 0.81 -1.97
N ARG B 85 25.74 0.52 -3.00
CA ARG B 85 25.96 1.14 -4.32
C ARG B 85 25.38 2.54 -4.43
N THR B 86 24.20 2.73 -3.86
CA THR B 86 23.46 3.98 -4.04
C THR B 86 22.91 4.48 -2.72
N PRO B 87 23.22 5.74 -2.36
CA PRO B 87 22.68 6.37 -1.16
C PRO B 87 21.19 6.63 -1.29
N VAL B 88 20.51 6.71 -0.14
CA VAL B 88 19.05 6.85 -0.07
C VAL B 88 18.61 8.16 0.58
N ASN B 89 19.59 9.00 0.95
CA ASN B 89 19.30 10.24 1.66
C ASN B 89 19.17 11.45 0.69
N ASP B 90 18.42 11.23 -0.39
CA ASP B 90 18.23 12.22 -1.44
C ASP B 90 16.93 13.01 -1.30
N GLY B 91 16.23 12.80 -0.19
CA GLY B 91 14.97 13.52 0.05
C GLY B 91 13.80 12.97 -0.74
N LYS B 92 14.00 11.86 -1.45
CA LYS B 92 12.94 11.20 -2.21
C LYS B 92 12.39 10.02 -1.42
N TYR B 93 11.14 9.65 -1.70
CA TYR B 93 10.51 8.53 -1.02
C TYR B 93 11.08 7.21 -1.52
N HIS B 94 11.47 6.34 -0.57
CA HIS B 94 11.97 5.00 -0.88
C HIS B 94 11.31 4.00 0.05
N VAL B 95 11.27 2.75 -0.39
CA VAL B 95 10.91 1.67 0.51
C VAL B 95 12.12 0.78 0.70
N VAL B 96 12.40 0.42 1.95
CA VAL B 96 13.45 -0.54 2.26
C VAL B 96 12.80 -1.81 2.82
N ARG B 97 13.24 -2.96 2.29
CA ARG B 97 12.73 -4.26 2.74
CA ARG B 97 12.73 -4.27 2.69
C ARG B 97 13.88 -5.14 3.20
N PHE B 98 13.71 -5.73 4.38
CA PHE B 98 14.74 -6.62 4.96
C PHE B 98 14.09 -7.92 5.38
N THR B 99 14.76 -9.04 5.10
CA THR B 99 14.40 -10.31 5.76
C THR B 99 15.60 -10.93 6.45
N ARG B 100 15.31 -11.74 7.46
CA ARG B 100 16.32 -12.53 8.13
C ARG B 100 15.79 -13.96 8.20
N ASN B 101 16.66 -14.93 7.90
CA ASN B 101 16.38 -16.34 8.10
C ASN B 101 17.57 -16.97 8.77
N GLY B 102 17.48 -17.18 10.09
CA GLY B 102 18.64 -17.56 10.88
C GLY B 102 19.68 -16.46 10.80
N ALA B 103 20.88 -16.82 10.32
CA ALA B 103 21.98 -15.86 10.14
C ALA B 103 21.92 -15.15 8.78
N ASN B 104 21.11 -15.66 7.86
CA ASN B 104 21.02 -15.11 6.51
C ASN B 104 20.13 -13.89 6.44
N ALA B 105 20.43 -13.00 5.49
CA ALA B 105 19.68 -11.75 5.33
C ALA B 105 19.56 -11.34 3.88
N THR B 106 18.49 -10.60 3.59
CA THR B 106 18.31 -9.92 2.31
C THR B 106 17.99 -8.47 2.61
N LEU B 107 18.30 -7.60 1.66
CA LEU B 107 17.99 -6.19 1.80
C LEU B 107 17.77 -5.59 0.43
N GLN B 108 16.63 -4.95 0.23
CA GLN B 108 16.31 -4.32 -1.03
C GLN B 108 15.77 -2.92 -0.81
N VAL B 109 16.23 -1.97 -1.63
CA VAL B 109 15.61 -0.66 -1.70
C VAL B 109 14.84 -0.58 -3.01
N ASP B 110 13.60 -0.08 -2.93
CA ASP B 110 12.75 0.10 -4.10
C ASP B 110 12.78 -1.17 -4.95
N ASN B 111 13.09 -1.04 -6.24
CA ASN B 111 13.20 -2.23 -7.11
C ASN B 111 14.65 -2.58 -7.45
N TRP B 112 15.59 -2.01 -6.70
CA TRP B 112 17.03 -2.18 -7.00
C TRP B 112 17.49 -3.63 -6.82
N PRO B 113 18.61 -4.02 -7.45
CA PRO B 113 19.09 -5.37 -7.22
C PRO B 113 19.15 -5.71 -5.73
N VAL B 114 18.72 -6.93 -5.38
CA VAL B 114 18.61 -7.34 -4.00
C VAL B 114 20.00 -7.67 -3.47
N ASN B 115 20.25 -7.25 -2.23
CA ASN B 115 21.46 -7.63 -1.50
C ASN B 115 21.15 -8.87 -0.69
N GLU B 116 22.07 -9.84 -0.70
CA GLU B 116 21.92 -11.06 0.09
C GLU B 116 23.24 -11.35 0.79
N HIS B 117 23.15 -11.97 1.96
CA HIS B 117 24.34 -12.27 2.73
C HIS B 117 24.10 -13.59 3.45
N TYR B 118 25.09 -14.49 3.35
CA TYR B 118 24.99 -15.81 3.95
C TYR B 118 26.22 -16.08 4.82
N PRO B 119 26.17 -15.63 6.09
CA PRO B 119 27.28 -15.78 7.02
C PRO B 119 27.80 -17.22 7.10
N THR B 120 29.11 -17.34 7.15
CA THR B 120 29.77 -18.63 7.16
C THR B 120 29.98 -19.13 8.59
N GLY B 121 30.21 -20.45 8.71
CA GLY B 121 30.53 -21.07 10.00
C GLY B 121 29.34 -21.27 10.90
N ARG B 122 29.61 -21.68 12.14
CA ARG B 122 28.59 -21.91 13.16
C ARG B 122 27.84 -20.61 13.44
N GLN B 123 26.51 -20.69 13.32
CA GLN B 123 25.65 -19.53 13.51
C GLN B 123 24.42 -19.89 14.32
N LEU B 124 24.11 -19.06 15.32
CA LEU B 124 22.84 -19.14 16.04
C LEU B 124 21.75 -18.56 15.15
N THR B 125 20.51 -19.01 15.36
CA THR B 125 19.46 -18.77 14.38
C THR B 125 18.25 -17.98 14.90
N ILE B 126 18.19 -17.77 16.21
CA ILE B 126 16.97 -17.24 16.85
C ILE B 126 17.16 -15.86 17.47
N PHE B 127 16.30 -14.92 17.08
CA PHE B 127 16.23 -13.61 17.68
C PHE B 127 15.35 -13.76 18.93
N ASN B 128 16.02 -13.96 20.06
CA ASN B 128 15.42 -14.42 21.32
CA ASN B 128 15.38 -14.43 21.28
C ASN B 128 14.77 -13.31 22.12
N THR B 129 13.53 -13.53 22.56
CA THR B 129 12.86 -12.63 23.52
C THR B 129 12.98 -11.15 23.16
N GLN B 130 12.43 -10.78 22.00
CA GLN B 130 12.38 -9.39 21.58
C GLN B 130 11.50 -8.58 22.54
N ALA B 131 12.02 -7.45 23.00
CA ALA B 131 11.40 -6.73 24.12
C ALA B 131 10.85 -5.34 23.77
N GLN B 132 11.47 -4.68 22.80
CA GLN B 132 11.02 -3.36 22.37
C GLN B 132 11.40 -3.05 20.93
N ILE B 133 10.60 -2.21 20.29
CA ILE B 133 10.89 -1.64 18.98
C ILE B 133 11.02 -0.13 19.17
N ALA B 134 12.24 0.39 18.99
CA ALA B 134 12.48 1.81 19.07
C ALA B 134 12.55 2.40 17.66
N ILE B 135 11.70 3.38 17.38
CA ILE B 135 11.66 4.05 16.07
C ILE B 135 12.12 5.50 16.20
N GLY B 136 13.13 5.90 15.43
CA GLY B 136 13.59 7.29 15.45
C GLY B 136 15.03 7.54 15.86
N GLY B 137 15.63 6.56 16.52
CA GLY B 137 17.07 6.57 16.82
C GLY B 137 17.57 7.49 17.91
N LYS B 138 16.69 8.35 18.42
CA LYS B 138 17.09 9.41 19.37
C LYS B 138 17.62 8.83 20.67
N ASP B 139 17.05 7.69 21.08
CA ASP B 139 17.48 6.98 22.28
C ASP B 139 18.94 6.53 22.23
N LYS B 140 19.45 6.30 21.02
CA LYS B 140 20.84 5.88 20.83
CA LYS B 140 20.84 5.89 20.84
C LYS B 140 21.73 7.02 20.30
N GLY B 141 21.23 8.25 20.42
CA GLY B 141 21.98 9.43 20.01
C GLY B 141 22.30 9.49 18.53
N ARG B 142 21.47 8.81 17.72
CA ARG B 142 21.61 8.84 16.27
C ARG B 142 20.25 9.12 15.63
N LEU B 143 19.85 10.38 15.71
CA LEU B 143 18.51 10.85 15.36
C LEU B 143 18.13 10.69 13.90
N PHE B 144 16.98 10.08 13.63
CA PHE B 144 16.40 10.12 12.30
C PHE B 144 15.62 11.43 12.14
N GLN B 145 15.84 12.10 11.00
CA GLN B 145 15.06 13.28 10.64
CA GLN B 145 15.05 13.27 10.65
C GLN B 145 14.42 13.02 9.28
N GLY B 146 13.12 13.23 9.20
CA GLY B 146 12.38 13.01 7.96
C GLY B 146 11.06 12.32 8.20
N GLN B 147 10.64 11.55 7.20
CA GLN B 147 9.31 10.97 7.20
C GLN B 147 9.41 9.45 7.21
N LEU B 148 8.62 8.81 8.07
CA LEU B 148 8.49 7.35 8.08
C LEU B 148 7.05 6.94 7.86
N SER B 149 6.85 5.91 7.03
CA SER B 149 5.53 5.48 6.59
CA SER B 149 5.53 5.48 6.64
C SER B 149 5.45 3.97 6.48
N GLY B 150 4.32 3.41 6.89
CA GLY B 150 4.00 2.00 6.68
C GLY B 150 4.97 0.99 7.27
N LEU B 151 5.51 1.29 8.45
CA LEU B 151 6.45 0.38 9.10
C LEU B 151 5.77 -0.96 9.39
N TYR B 152 6.39 -2.04 8.90
CA TYR B 152 5.92 -3.40 9.10
C TYR B 152 7.04 -4.19 9.74
N TYR B 153 6.77 -4.83 10.87
CA TYR B 153 7.74 -5.71 11.49
C TYR B 153 7.06 -6.96 12.00
N ASP B 154 7.35 -8.09 11.39
CA ASP B 154 6.79 -9.38 11.80
C ASP B 154 5.28 -9.31 12.02
N GLY B 155 4.57 -8.68 11.10
CA GLY B 155 3.11 -8.63 11.16
C GLY B 155 2.58 -7.44 11.93
N LEU B 156 3.46 -6.72 12.62
CA LEU B 156 3.09 -5.53 13.39
C LEU B 156 3.24 -4.28 12.55
N LYS B 157 2.15 -3.54 12.40
CA LYS B 157 2.19 -2.27 11.69
C LYS B 157 2.31 -1.18 12.75
N VAL B 158 3.54 -0.94 13.18
CA VAL B 158 3.82 -0.21 14.43
C VAL B 158 3.36 1.25 14.39
N LEU B 159 3.54 1.90 13.24
CA LEU B 159 3.04 3.27 13.07
C LEU B 159 1.53 3.36 13.10
N ASN B 160 0.85 2.36 12.51
CA ASN B 160 -0.62 2.26 12.57
C ASN B 160 -1.09 2.13 14.01
N MET B 161 -0.35 1.32 14.79
CA MET B 161 -0.65 1.10 16.21
C MET B 161 -0.44 2.36 17.04
N ALA B 162 0.65 3.09 16.75
CA ALA B 162 0.91 4.39 17.39
C ALA B 162 -0.26 5.35 17.12
N ALA B 163 -0.69 5.42 15.86
CA ALA B 163 -1.79 6.28 15.44
C ALA B 163 -3.11 5.92 16.11
N GLU B 164 -3.30 4.62 16.37
CA GLU B 164 -4.48 4.09 17.06
C GLU B 164 -4.37 4.18 18.57
N ASN B 165 -3.36 4.90 19.06
CA ASN B 165 -3.10 5.04 20.51
C ASN B 165 -3.01 3.68 21.22
N ASN B 166 -2.25 2.76 20.66
CA ASN B 166 -1.99 1.46 21.29
C ASN B 166 -1.35 1.67 22.67
N PRO B 167 -1.86 0.98 23.71
CA PRO B 167 -1.41 1.21 25.09
C PRO B 167 0.07 0.84 25.36
N ASN B 168 0.66 0.07 24.45
CA ASN B 168 2.07 -0.37 24.56
C ASN B 168 3.05 0.52 23.78
N ILE B 169 2.53 1.64 23.29
CA ILE B 169 3.32 2.62 22.55
C ILE B 169 3.48 3.90 23.38
N LYS B 170 4.72 4.37 23.50
CA LYS B 170 5.02 5.68 24.06
C LYS B 170 5.70 6.51 22.98
N ILE B 171 5.26 7.75 22.82
CA ILE B 171 5.85 8.69 21.87
C ILE B 171 6.45 9.89 22.60
N ASN B 172 7.65 10.28 22.19
CA ASN B 172 8.42 11.33 22.87
C ASN B 172 9.16 12.19 21.85
N GLY B 173 9.29 13.49 22.12
CA GLY B 173 10.07 14.39 21.26
C GLY B 173 9.32 14.93 20.05
N SER B 174 10.07 15.35 19.02
CA SER B 174 9.49 15.95 17.82
CA SER B 174 9.49 15.95 17.82
C SER B 174 9.03 14.90 16.82
N VAL B 175 7.85 14.34 17.08
CA VAL B 175 7.24 13.31 16.26
C VAL B 175 5.80 13.75 16.04
N ARG B 176 5.37 13.79 14.78
CA ARG B 176 4.02 14.24 14.42
C ARG B 176 3.36 13.27 13.44
N LEU B 177 2.15 12.81 13.78
CA LEU B 177 1.31 12.08 12.84
C LEU B 177 0.83 13.04 11.74
N VAL B 178 0.94 12.62 10.50
CA VAL B 178 0.44 13.43 9.37
C VAL B 178 -0.46 12.62 8.44
N GLY C 1 -1.98 -0.78 -1.38
CA GLY C 1 -1.16 -1.50 -2.43
C GLY C 1 -1.85 -1.60 -3.78
N PRO C 2 -1.37 -2.52 -4.65
CA PRO C 2 -2.07 -2.87 -5.88
C PRO C 2 -3.53 -3.27 -5.62
N GLY C 3 -3.78 -3.93 -4.49
CA GLY C 3 -5.13 -4.30 -4.08
C GLY C 3 -6.07 -3.15 -3.72
N SER C 4 -5.53 -2.00 -3.32
CA SER C 4 -6.36 -0.82 -3.00
C SER C 4 -7.40 -0.58 -4.09
N ALA C 5 -8.67 -0.50 -3.70
CA ALA C 5 -9.75 -0.21 -4.65
C ALA C 5 -9.56 1.14 -5.33
N THR C 6 -9.65 1.13 -6.66
CA THR C 6 -9.34 2.28 -7.49
C THR C 6 -10.51 2.57 -8.43
N TYR C 7 -10.91 3.84 -8.51
CA TYR C 7 -12.04 4.23 -9.35
C TYR C 7 -11.65 5.35 -10.31
N ILE C 8 -12.15 5.26 -11.54
CA ILE C 8 -11.92 6.28 -12.57
C ILE C 8 -13.20 7.08 -12.73
N PHE C 9 -13.08 8.39 -12.63
CA PHE C 9 -14.20 9.31 -12.84
C PHE C 9 -14.03 9.96 -14.20
N GLY C 10 -15.06 9.82 -15.03
CA GLY C 10 -15.00 10.25 -16.42
C GLY C 10 -15.42 11.70 -16.60
N LYS C 11 -15.28 12.20 -17.83
CA LYS C 11 -15.61 13.57 -18.21
C LYS C 11 -16.97 14.05 -17.69
N SER C 12 -17.99 13.21 -17.83
CA SER C 12 -19.35 13.51 -17.35
C SER C 12 -19.47 13.58 -15.83
N GLY C 13 -18.49 13.03 -15.12
CA GLY C 13 -18.51 13.03 -13.67
C GLY C 13 -19.40 11.94 -13.09
N GLY C 14 -19.17 11.64 -11.82
CA GLY C 14 -19.94 10.63 -11.12
C GLY C 14 -19.83 10.81 -9.62
N LEU C 15 -20.52 9.94 -8.88
CA LEU C 15 -20.52 10.03 -7.43
C LEU C 15 -20.59 8.65 -6.81
N ILE C 16 -19.74 8.45 -5.80
CA ILE C 16 -19.85 7.32 -4.91
C ILE C 16 -20.25 7.91 -3.57
N LEU C 17 -21.37 7.45 -3.04
CA LEU C 17 -21.92 7.97 -1.81
C LEU C 17 -22.00 6.89 -0.74
N TYR C 18 -21.34 7.12 0.39
CA TYR C 18 -21.52 6.28 1.58
C TYR C 18 -22.41 7.02 2.59
N THR C 19 -23.45 6.34 3.06
CA THR C 19 -24.35 6.92 4.05
C THR C 19 -24.26 6.02 5.28
N TRP C 20 -23.86 6.59 6.42
CA TRP C 20 -23.79 5.80 7.64
C TRP C 20 -25.18 5.33 8.01
N PRO C 21 -25.29 4.09 8.55
CA PRO C 21 -26.54 3.74 9.22
C PRO C 21 -26.81 4.79 10.31
N ALA C 22 -28.08 5.16 10.49
CA ALA C 22 -28.45 6.31 11.34
C ALA C 22 -27.89 6.22 12.77
N ASN C 23 -27.98 5.03 13.38
CA ASN C 23 -27.47 4.81 14.72
C ASN C 23 -25.94 4.81 14.82
N ASP C 24 -25.27 4.78 13.67
CA ASP C 24 -23.82 4.70 13.60
C ASP C 24 -23.13 5.99 13.17
N ARG C 25 -23.90 7.07 13.02
CA ARG C 25 -23.34 8.36 12.61
CA ARG C 25 -23.33 8.36 12.62
C ARG C 25 -22.33 8.84 13.67
N PRO C 26 -21.06 9.02 13.27
CA PRO C 26 -20.07 9.39 14.28
C PRO C 26 -19.93 10.87 14.57
N SER C 27 -19.47 11.16 15.79
CA SER C 27 -19.04 12.49 16.19
C SER C 27 -17.60 12.36 16.67
N THR C 28 -16.69 13.13 16.07
CA THR C 28 -15.26 12.98 16.34
C THR C 28 -14.57 14.27 16.79
N ARG C 29 -13.57 14.10 17.66
CA ARG C 29 -12.69 15.18 18.10
C ARG C 29 -11.56 15.37 17.10
N SER C 30 -11.27 14.31 16.34
CA SER C 30 -10.22 14.35 15.35
C SER C 30 -10.55 13.43 14.15
N ASP C 31 -10.00 13.78 12.99
CA ASP C 31 -10.18 12.99 11.79
C ASP C 31 -8.85 12.78 11.07
N ARG C 32 -8.80 11.71 10.26
CA ARG C 32 -7.67 11.41 9.41
C ARG C 32 -8.27 11.04 8.05
N LEU C 33 -7.81 11.74 7.01
CA LEU C 33 -8.26 11.51 5.63
C LEU C 33 -7.05 11.41 4.71
N ALA C 34 -6.99 10.34 3.91
CA ALA C 34 -5.93 10.18 2.91
C ALA C 34 -6.50 9.53 1.65
N VAL C 35 -5.98 9.93 0.49
CA VAL C 35 -6.39 9.33 -0.78
C VAL C 35 -5.29 9.48 -1.82
N GLY C 36 -5.18 8.47 -2.70
CA GLY C 36 -4.35 8.57 -3.90
C GLY C 36 -5.17 9.09 -5.07
N PHE C 37 -4.56 9.93 -5.90
CA PHE C 37 -5.29 10.55 -6.99
C PHE C 37 -4.36 10.90 -8.14
N SER C 38 -4.93 10.91 -9.33
CA SER C 38 -4.27 11.46 -10.51
CA SER C 38 -4.27 11.43 -10.52
C SER C 38 -5.30 12.25 -11.29
N THR C 39 -4.96 13.48 -11.64
CA THR C 39 -5.92 14.36 -12.30
C THR C 39 -5.24 15.50 -13.06
N THR C 40 -5.97 16.10 -13.99
CA THR C 40 -5.55 17.34 -14.64
C THR C 40 -6.60 18.46 -14.47
N VAL C 41 -7.69 18.19 -13.74
CA VAL C 41 -8.73 19.21 -13.51
C VAL C 41 -8.17 20.42 -12.76
N LYS C 42 -8.55 21.62 -13.20
CA LYS C 42 -8.21 22.85 -12.48
C LYS C 42 -9.02 22.98 -11.20
N ASP C 43 -10.25 22.44 -11.22
CA ASP C 43 -11.20 22.59 -10.13
C ASP C 43 -12.06 21.33 -10.00
N GLY C 44 -12.27 20.90 -8.77
CA GLY C 44 -13.21 19.81 -8.50
C GLY C 44 -13.16 19.37 -7.05
N ILE C 45 -14.28 18.87 -6.56
CA ILE C 45 -14.33 18.26 -5.23
C ILE C 45 -14.03 16.76 -5.32
N LEU C 46 -13.05 16.30 -4.54
CA LEU C 46 -12.70 14.89 -4.49
C LEU C 46 -13.57 14.13 -3.50
N VAL C 47 -13.66 14.63 -2.27
CA VAL C 47 -14.34 13.96 -1.15
C VAL C 47 -14.96 15.02 -0.27
N ARG C 48 -16.22 14.84 0.11
CA ARG C 48 -16.86 15.71 1.09
C ARG C 48 -17.69 14.91 2.09
N ILE C 49 -17.41 15.15 3.37
CA ILE C 49 -18.17 14.55 4.46
C ILE C 49 -19.10 15.62 5.00
N ASP C 50 -20.39 15.29 5.06
CA ASP C 50 -21.41 16.18 5.60
C ASP C 50 -22.05 15.59 6.86
N SER C 51 -22.32 16.47 7.82
CA SER C 51 -23.10 16.13 9.01
C SER C 51 -24.57 15.98 8.66
N ALA C 52 -25.38 15.53 9.63
CA ALA C 52 -26.82 15.41 9.46
C ALA C 52 -27.39 16.71 8.88
N PRO C 53 -28.52 16.60 8.13
CA PRO C 53 -29.16 17.78 7.58
C PRO C 53 -29.51 18.74 8.70
N GLY C 54 -29.27 20.04 8.49
CA GLY C 54 -29.66 21.07 9.46
C GLY C 54 -28.50 21.66 10.25
N LEU C 55 -27.40 20.91 10.35
CA LEU C 55 -26.21 21.34 11.09
C LEU C 55 -25.28 22.24 10.27
N GLY C 56 -25.03 21.83 9.02
CA GLY C 56 -24.16 22.61 8.12
C GLY C 56 -22.70 22.24 8.18
N ASP C 57 -22.32 21.41 9.16
CA ASP C 57 -20.92 21.04 9.36
C ASP C 57 -20.44 20.12 8.23
N PHE C 58 -19.22 20.34 7.77
CA PHE C 58 -18.66 19.54 6.67
C PHE C 58 -17.12 19.52 6.68
N LEU C 59 -16.57 18.58 5.91
CA LEU C 59 -15.12 18.47 5.69
C LEU C 59 -14.93 18.12 4.21
N GLN C 60 -14.27 19.00 3.48
CA GLN C 60 -14.21 18.90 2.03
C GLN C 60 -12.77 18.98 1.49
N LEU C 61 -12.38 17.92 0.80
CA LEU C 61 -11.09 17.84 0.11
C LEU C 61 -11.34 18.23 -1.35
N HIS C 62 -10.63 19.24 -1.82
CA HIS C 62 -10.89 19.77 -3.15
C HIS C 62 -9.66 20.39 -3.81
N ILE C 63 -9.77 20.56 -5.12
CA ILE C 63 -8.75 21.23 -5.92
C ILE C 63 -9.35 22.54 -6.44
N GLU C 64 -8.60 23.62 -6.27
CA GLU C 64 -8.98 24.94 -6.77
C GLU C 64 -7.75 25.53 -7.45
N GLN C 65 -7.92 25.97 -8.69
CA GLN C 65 -6.80 26.46 -9.51
C GLN C 65 -5.62 25.48 -9.49
N GLY C 66 -5.91 24.19 -9.62
CA GLY C 66 -4.89 23.15 -9.65
C GLY C 66 -4.24 22.82 -8.32
N LYS C 67 -4.60 23.54 -7.28
CA LYS C 67 -4.02 23.28 -5.95
C LYS C 67 -4.97 22.56 -5.01
N ILE C 68 -4.46 21.57 -4.30
CA ILE C 68 -5.29 20.76 -3.40
C ILE C 68 -5.36 21.34 -1.98
N GLY C 69 -6.52 21.19 -1.34
CA GLY C 69 -6.73 21.72 -0.01
C GLY C 69 -7.96 21.12 0.64
N VAL C 70 -8.11 21.40 1.93
CA VAL C 70 -9.28 20.97 2.70
C VAL C 70 -9.91 22.21 3.33
N VAL C 71 -11.21 22.35 3.15
CA VAL C 71 -11.98 23.33 3.91
C VAL C 71 -12.97 22.55 4.78
N PHE C 72 -13.07 22.96 6.05
CA PHE C 72 -14.03 22.34 6.96
C PHE C 72 -14.72 23.37 7.85
N ASN C 73 -15.85 22.98 8.43
CA ASN C 73 -16.63 23.82 9.32
C ASN C 73 -17.26 22.89 10.34
N ILE C 74 -16.96 23.13 11.62
CA ILE C 74 -17.52 22.30 12.69
C ILE C 74 -18.37 23.15 13.65
N GLY C 75 -18.87 24.26 13.15
CA GLY C 75 -19.88 25.06 13.83
C GLY C 75 -19.50 26.48 14.17
N THR C 76 -18.23 26.83 13.96
CA THR C 76 -17.75 28.18 14.23
C THR C 76 -17.60 28.98 12.94
N VAL C 77 -16.68 28.54 12.09
CA VAL C 77 -16.32 29.25 10.87
C VAL C 77 -15.64 28.24 9.93
N ASP C 78 -15.68 28.51 8.62
CA ASP C 78 -14.92 27.72 7.65
C ASP C 78 -13.43 27.84 7.94
N ILE C 79 -12.76 26.69 8.02
CA ILE C 79 -11.31 26.64 8.26
C ILE C 79 -10.66 25.98 7.05
N SER C 80 -9.70 26.67 6.45
CA SER C 80 -9.06 26.22 5.22
CA SER C 80 -9.06 26.22 5.22
C SER C 80 -7.56 25.95 5.37
N ILE C 81 -7.10 24.89 4.73
CA ILE C 81 -5.68 24.57 4.66
C ILE C 81 -5.35 24.06 3.25
N LYS C 82 -4.29 24.59 2.65
CA LYS C 82 -4.03 24.36 1.25
C LYS C 82 -2.56 24.10 0.98
N GLU C 83 -2.28 23.20 0.03
CA GLU C 83 -0.94 23.09 -0.52
C GLU C 83 -0.81 24.20 -1.57
N GLU C 84 -0.32 25.35 -1.11
CA GLU C 84 -0.29 26.59 -1.91
CA GLU C 84 -0.29 26.59 -1.91
C GLU C 84 0.88 26.69 -2.88
N ARG C 85 1.95 25.94 -2.62
CA ARG C 85 3.19 26.17 -3.36
C ARG C 85 3.27 25.49 -4.72
N THR C 86 2.71 24.29 -4.80
CA THR C 86 2.86 23.43 -5.97
C THR C 86 1.50 22.83 -6.34
N PRO C 87 1.10 22.98 -7.61
CA PRO C 87 -0.16 22.41 -8.07
C PRO C 87 -0.06 20.89 -8.19
N VAL C 88 -1.19 20.19 -8.06
CA VAL C 88 -1.17 18.73 -8.12
C VAL C 88 -1.90 18.17 -9.33
N ASN C 89 -2.42 19.06 -10.18
CA ASN C 89 -3.17 18.65 -11.35
C ASN C 89 -2.29 18.40 -12.57
N ASP C 90 -1.16 17.71 -12.33
CA ASP C 90 -0.16 17.46 -13.37
C ASP C 90 -0.34 16.11 -14.07
N GLY C 91 -1.43 15.42 -13.76
CA GLY C 91 -1.70 14.08 -14.32
C GLY C 91 -0.76 13.01 -13.80
N LYS C 92 -0.07 13.29 -12.70
CA LYS C 92 0.77 12.32 -12.02
C LYS C 92 0.09 11.81 -10.75
N TYR C 93 0.39 10.56 -10.38
CA TYR C 93 -0.17 10.02 -9.13
C TYR C 93 0.43 10.76 -7.94
N HIS C 94 -0.44 11.19 -7.02
CA HIS C 94 -0.03 11.77 -5.74
C HIS C 94 -0.87 11.18 -4.63
N VAL C 95 -0.34 11.21 -3.41
CA VAL C 95 -1.13 10.91 -2.22
C VAL C 95 -1.28 12.21 -1.42
N VAL C 96 -2.50 12.49 -0.98
CA VAL C 96 -2.74 13.63 -0.10
C VAL C 96 -3.19 13.09 1.26
N ARG C 97 -2.60 13.63 2.33
CA ARG C 97 -2.98 13.23 3.70
CA ARG C 97 -2.93 13.22 3.71
C ARG C 97 -3.39 14.44 4.50
N PHE C 98 -4.50 14.29 5.21
CA PHE C 98 -5.05 15.34 6.05
C PHE C 98 -5.31 14.81 7.45
N THR C 99 -5.02 15.63 8.46
CA THR C 99 -5.49 15.38 9.82
C THR C 99 -6.15 16.63 10.37
N ARG C 100 -7.18 16.41 11.19
CA ARG C 100 -7.85 17.46 11.94
C ARG C 100 -7.81 17.08 13.41
N ASN C 101 -7.43 18.03 14.26
CA ASN C 101 -7.51 17.88 15.70
C ASN C 101 -8.21 19.09 16.27
N GLY C 102 -9.49 18.93 16.57
CA GLY C 102 -10.35 20.07 16.92
C GLY C 102 -10.40 21.02 15.75
N ALA C 103 -9.91 22.24 15.95
CA ALA C 103 -9.86 23.22 14.86
C ALA C 103 -8.51 23.22 14.13
N ASN C 104 -7.52 22.51 14.69
CA ASN C 104 -6.20 22.43 14.04
C ASN C 104 -6.19 21.43 12.90
N ALA C 105 -5.33 21.67 11.92
CA ALA C 105 -5.25 20.84 10.71
C ALA C 105 -3.83 20.72 10.20
N THR C 106 -3.55 19.59 9.56
CA THR C 106 -2.31 19.40 8.80
C THR C 106 -2.69 18.85 7.44
N LEU C 107 -1.86 19.14 6.44
CA LEU C 107 -2.07 18.68 5.07
C LEU C 107 -0.72 18.49 4.37
N GLN C 108 -0.51 17.30 3.85
CA GLN C 108 0.71 16.96 3.13
C GLN C 108 0.39 16.24 1.82
N VAL C 109 1.10 16.62 0.77
CA VAL C 109 1.04 15.91 -0.49
C VAL C 109 2.38 15.18 -0.64
N ASP C 110 2.32 13.88 -0.95
CA ASP C 110 3.50 13.06 -1.16
C ASP C 110 4.45 13.17 0.04
N ASN C 111 5.72 13.51 -0.19
CA ASN C 111 6.65 13.74 0.91
C ASN C 111 6.99 15.24 1.03
N TRP C 112 6.12 16.11 0.52
CA TRP C 112 6.42 17.54 0.49
C TRP C 112 6.35 18.11 1.90
N PRO C 113 6.95 19.30 2.13
CA PRO C 113 6.81 19.92 3.45
C PRO C 113 5.36 19.97 3.92
N VAL C 114 5.16 19.64 5.19
CA VAL C 114 3.83 19.58 5.79
C VAL C 114 3.24 20.96 5.99
N ASN C 115 1.98 21.12 5.59
CA ASN C 115 1.22 22.33 5.90
C ASN C 115 0.52 22.16 7.23
N GLU C 116 0.55 23.20 8.04
CA GLU C 116 -0.08 23.20 9.36
C GLU C 116 -0.89 24.46 9.55
N HIS C 117 -2.04 24.32 10.18
CA HIS C 117 -2.87 25.48 10.50
C HIS C 117 -3.39 25.37 11.93
N TYR C 118 -3.22 26.44 12.68
CA TYR C 118 -3.69 26.49 14.06
C TYR C 118 -4.53 27.75 14.25
N PRO C 119 -5.84 27.66 13.94
CA PRO C 119 -6.76 28.80 14.05
C PRO C 119 -6.72 29.44 15.43
N THR C 120 -6.99 30.75 15.44
CA THR C 120 -7.01 31.52 16.67
C THR C 120 -8.45 31.84 17.08
N GLY C 121 -8.61 32.33 18.32
CA GLY C 121 -9.93 32.63 18.85
C GLY C 121 -10.66 31.39 19.35
N ARG C 122 -11.89 31.58 19.79
CA ARG C 122 -12.71 30.50 20.31
C ARG C 122 -13.12 29.57 19.18
N GLN C 123 -12.86 28.28 19.36
CA GLN C 123 -13.14 27.26 18.34
C GLN C 123 -13.85 26.04 18.91
N LEU C 124 -14.88 25.59 18.21
CA LEU C 124 -15.52 24.31 18.50
C LEU C 124 -14.61 23.20 18.00
N THR C 125 -14.76 21.99 18.55
CA THR C 125 -13.79 20.91 18.30
C THR C 125 -14.37 19.60 17.74
N ILE C 126 -15.70 19.49 17.70
CA ILE C 126 -16.34 18.22 17.33
C ILE C 126 -16.99 18.30 15.96
N PHE C 127 -16.66 17.33 15.09
CA PHE C 127 -17.37 17.12 13.83
C PHE C 127 -18.57 16.22 14.17
N ASN C 128 -19.74 16.83 14.34
CA ASN C 128 -20.94 16.16 14.88
C ASN C 128 -21.71 15.35 13.85
N THR C 129 -22.18 14.17 14.26
CA THR C 129 -23.21 13.41 13.51
C THR C 129 -22.95 13.37 12.00
N GLN C 130 -21.77 12.86 11.65
CA GLN C 130 -21.38 12.73 10.26
C GLN C 130 -22.32 11.73 9.58
N ALA C 131 -22.89 12.16 8.46
CA ALA C 131 -24.03 11.47 7.87
C ALA C 131 -23.72 10.79 6.54
N GLN C 132 -22.85 11.41 5.73
CA GLN C 132 -22.51 10.85 4.43
C GLN C 132 -21.10 11.20 3.99
N ILE C 133 -20.52 10.32 3.18
CA ILE C 133 -19.27 10.60 2.46
C ILE C 133 -19.59 10.60 0.96
N ALA C 134 -19.45 11.75 0.33
CA ALA C 134 -19.66 11.89 -1.10
C ALA C 134 -18.32 12.00 -1.81
N ILE C 135 -18.10 11.13 -2.78
CA ILE C 135 -16.82 11.07 -3.49
C ILE C 135 -17.04 11.39 -4.97
N GLY C 136 -16.31 12.36 -5.51
CA GLY C 136 -16.40 12.68 -6.94
C GLY C 136 -16.95 14.06 -7.27
N GLY C 137 -17.61 14.68 -6.30
CA GLY C 137 -17.94 16.10 -6.38
C GLY C 137 -19.10 16.54 -7.25
N LYS C 138 -19.72 15.61 -7.97
CA LYS C 138 -20.75 15.97 -8.96
C LYS C 138 -22.02 16.52 -8.31
N ASP C 139 -22.34 16.02 -7.13
CA ASP C 139 -23.51 16.45 -6.36
C ASP C 139 -23.41 17.93 -5.93
N LYS C 140 -22.19 18.46 -5.89
CA LYS C 140 -21.95 19.86 -5.50
CA LYS C 140 -22.00 19.87 -5.51
C LYS C 140 -21.60 20.74 -6.71
N GLY C 141 -21.72 20.18 -7.91
CA GLY C 141 -21.49 20.91 -9.16
C GLY C 141 -20.03 21.19 -9.48
N ARG C 142 -19.13 20.44 -8.84
CA ARG C 142 -17.69 20.61 -9.01
C ARG C 142 -17.06 19.24 -9.21
N LEU C 143 -17.29 18.67 -10.39
CA LEU C 143 -16.95 17.27 -10.61
C LEU C 143 -15.45 17.01 -10.71
N PHE C 144 -15.01 15.91 -10.09
CA PHE C 144 -13.65 15.42 -10.23
C PHE C 144 -13.57 14.50 -11.44
N GLN C 145 -12.52 14.67 -12.24
CA GLN C 145 -12.20 13.75 -13.34
CA GLN C 145 -12.22 13.73 -13.32
C GLN C 145 -10.80 13.18 -13.10
N GLY C 146 -10.69 11.86 -13.15
CA GLY C 146 -9.39 11.22 -12.95
C GLY C 146 -9.51 9.95 -12.15
N GLN C 147 -8.41 9.57 -11.51
CA GLN C 147 -8.29 8.34 -10.76
C GLN C 147 -8.26 8.65 -9.27
N LEU C 148 -9.06 7.91 -8.49
CA LEU C 148 -8.97 7.93 -7.03
C LEU C 148 -8.70 6.53 -6.52
N SER C 149 -7.81 6.43 -5.53
CA SER C 149 -7.35 5.12 -5.05
CA SER C 149 -7.38 5.13 -5.05
C SER C 149 -7.10 5.12 -3.55
N GLY C 150 -7.52 4.06 -2.88
CA GLY C 150 -7.19 3.80 -1.47
C GLY C 150 -7.67 4.88 -0.50
N LEU C 151 -8.84 5.43 -0.76
CA LEU C 151 -9.44 6.43 0.13
C LEU C 151 -9.57 5.88 1.54
N TYR C 152 -9.03 6.63 2.51
CA TYR C 152 -9.10 6.27 3.91
C TYR C 152 -9.71 7.45 4.68
N TYR C 153 -10.79 7.19 5.40
CA TYR C 153 -11.37 8.22 6.27
C TYR C 153 -11.80 7.62 7.61
N ASP C 154 -11.09 8.01 8.67
CA ASP C 154 -11.39 7.56 10.03
C ASP C 154 -11.58 6.04 10.12
N GLY C 155 -10.67 5.29 9.50
CA GLY C 155 -10.70 3.83 9.57
C GLY C 155 -11.50 3.16 8.47
N LEU C 156 -12.31 3.95 7.76
CA LEU C 156 -13.13 3.44 6.66
C LEU C 156 -12.37 3.51 5.34
N LYS C 157 -12.21 2.36 4.70
CA LYS C 157 -11.62 2.30 3.37
C LYS C 157 -12.79 2.33 2.40
N VAL C 158 -13.23 3.54 2.07
CA VAL C 158 -14.56 3.74 1.46
C VAL C 158 -14.64 3.16 0.05
N LEU C 159 -13.56 3.34 -0.73
CA LEU C 159 -13.51 2.73 -2.06
C LEU C 159 -13.49 1.20 -2.01
N ASN C 160 -12.81 0.62 -1.02
CA ASN C 160 -12.82 -0.84 -0.82
C ASN C 160 -14.24 -1.31 -0.53
N MET C 161 -14.97 -0.55 0.29
CA MET C 161 -16.36 -0.86 0.63
C MET C 161 -17.25 -0.78 -0.61
N ALA C 162 -17.03 0.24 -1.45
CA ALA C 162 -17.74 0.38 -2.72
C ALA C 162 -17.47 -0.84 -3.62
N ALA C 163 -16.20 -1.25 -3.71
CA ALA C 163 -15.80 -2.41 -4.51
C ALA C 163 -16.44 -3.72 -4.01
N GLU C 164 -16.64 -3.82 -2.69
CA GLU C 164 -17.27 -5.00 -2.06
C GLU C 164 -18.80 -4.94 -2.08
N ASN C 165 -19.37 -3.97 -2.79
CA ASN C 165 -20.82 -3.76 -2.84
C ASN C 165 -21.48 -3.59 -1.46
N ASN C 166 -20.81 -2.83 -0.59
CA ASN C 166 -21.36 -2.45 0.71
C ASN C 166 -22.77 -1.87 0.51
N PRO C 167 -23.77 -2.35 1.26
CA PRO C 167 -25.18 -1.96 1.10
C PRO C 167 -25.47 -0.47 1.32
N ASN C 168 -24.57 0.22 2.02
CA ASN C 168 -24.72 1.65 2.32
C ASN C 168 -24.03 2.55 1.28
N ILE C 169 -23.56 1.94 0.19
CA ILE C 169 -22.90 2.67 -0.90
C ILE C 169 -23.84 2.78 -2.10
N LYS C 170 -23.94 3.99 -2.66
CA LYS C 170 -24.63 4.20 -3.93
C LYS C 170 -23.65 4.80 -4.93
N ILE C 171 -23.66 4.27 -6.15
CA ILE C 171 -22.80 4.76 -7.22
C ILE C 171 -23.67 5.20 -8.39
N ASN C 172 -23.31 6.34 -8.98
CA ASN C 172 -24.09 6.93 -10.07
C ASN C 172 -23.16 7.69 -11.01
N GLY C 173 -23.53 7.77 -12.28
CA GLY C 173 -22.78 8.56 -13.25
C GLY C 173 -21.57 7.84 -13.81
N SER C 174 -20.62 8.63 -14.31
CA SER C 174 -19.45 8.11 -14.99
C SER C 174 -18.34 7.70 -14.01
N VAL C 175 -18.59 6.62 -13.28
CA VAL C 175 -17.63 6.06 -12.32
C VAL C 175 -17.44 4.59 -12.63
N ARG C 176 -16.18 4.14 -12.64
CA ARG C 176 -15.90 2.74 -12.91
C ARG C 176 -14.76 2.22 -12.04
N LEU C 177 -15.00 1.07 -11.43
CA LEU C 177 -13.97 0.31 -10.74
C LEU C 177 -12.94 -0.21 -11.75
N VAL C 178 -11.65 -0.04 -11.44
CA VAL C 178 -10.59 -0.68 -12.23
C VAL C 178 -9.74 -1.68 -11.45
C1 NAG D . -20.90 -6.47 -20.64
C2 NAG D . -22.03 -6.71 -19.63
C3 NAG D . -23.41 -6.50 -20.26
C4 NAG D . -23.49 -5.18 -21.04
C5 NAG D . -22.30 -5.09 -22.01
C6 NAG D . -22.27 -3.77 -22.79
C7 NAG D . -21.91 -8.21 -17.72
C8 NAG D . -21.91 -9.64 -17.22
N2 NAG D . -21.96 -8.03 -19.04
O3 NAG D . -24.42 -6.49 -19.26
O4 NAG D . -24.73 -5.12 -21.71
O5 NAG D . -21.08 -5.23 -21.30
O6 NAG D . -22.02 -2.69 -21.92
O7 NAG D . -21.85 -7.28 -16.91
C1 NAG D . -25.47 -3.92 -21.37
C2 NAG D . -26.63 -3.72 -22.36
C3 NAG D . -27.51 -2.52 -21.99
C4 NAG D . -27.79 -2.44 -20.48
C5 NAG D . -26.52 -2.70 -19.66
C6 NAG D . -26.80 -2.71 -18.16
C7 NAG D . -26.03 -4.65 -24.53
C8 NAG D . -25.36 -4.41 -25.85
N2 NAG D . -26.15 -3.59 -23.73
O3 NAG D . -28.72 -2.61 -22.70
O4 NAG D . -28.29 -1.14 -20.20
O5 NAG D . -25.96 -3.94 -20.05
O6 NAG D . -27.42 -3.93 -17.78
O7 NAG D . -26.42 -5.78 -24.23
C1 BMA D . -22.79 -1.55 -22.34
C2 BMA D . -22.94 -0.53 -21.19
C3 BMA D . -21.82 0.51 -21.14
C4 BMA D . -20.62 0.13 -22.02
C5 BMA D . -21.05 -0.22 -23.44
C6 BMA D . -19.97 -1.01 -24.16
O2 BMA D . -23.06 -1.21 -19.95
O3 BMA D . -21.37 0.74 -19.82
O4 BMA D . -19.74 1.23 -22.07
O5 BMA D . -22.27 -0.94 -23.52
O6 BMA D . -19.49 -0.30 -25.28
C1 NAG E . 21.18 -19.85 5.70
C2 NAG E . 20.17 -20.92 6.09
C3 NAG E . 20.77 -22.33 6.12
C4 NAG E . 21.56 -22.63 4.85
C5 NAG E . 22.54 -21.47 4.58
C6 NAG E . 23.36 -21.68 3.31
C7 NAG E . 18.27 -20.72 7.59
C8 NAG E . 17.81 -20.64 9.01
N2 NAG E . 19.59 -20.63 7.39
O3 NAG E . 19.76 -23.30 6.30
O4 NAG E . 22.28 -23.83 5.01
O5 NAG E . 21.83 -20.24 4.49
O6 NAG E . 22.48 -21.74 2.20
O7 NAG E . 17.45 -20.85 6.68
C1 NAG E . 21.78 -24.92 4.19
C2 NAG E . 22.78 -26.08 4.35
C3 NAG E . 22.31 -27.36 3.68
C4 NAG E . 20.85 -27.69 4.01
C5 NAG E . 19.92 -26.47 3.95
C6 NAG E . 18.63 -26.79 4.70
C7 NAG E . 25.05 -25.30 4.71
C8 NAG E . 26.32 -24.81 4.06
N2 NAG E . 24.09 -25.69 3.88
O3 NAG E . 23.13 -28.42 4.13
O4 NAG E . 20.41 -28.69 3.11
O5 NAG E . 20.48 -25.32 4.57
O6 NAG E . 17.52 -26.57 3.84
O7 NAG E . 24.94 -25.33 5.94
C1 BMA E . 23.16 -22.34 1.09
C2 BMA E . 22.12 -22.91 0.11
C3 BMA E . 21.50 -21.85 -0.80
C4 BMA E . 22.13 -20.48 -0.61
C5 BMA E . 23.66 -20.62 -0.58
C6 BMA E . 24.34 -19.27 -0.45
O2 BMA E . 21.13 -23.62 0.82
O3 BMA E . 20.10 -21.74 -0.58
O4 BMA E . 21.71 -19.63 -1.65
O5 BMA E . 24.11 -21.46 0.47
O6 BMA E . 25.72 -19.43 -0.19
C1 NAG F . -4.77 23.17 18.59
C2 NAG F . -4.96 22.24 19.81
C3 NAG F . -4.65 22.96 21.13
C4 NAG F . -3.37 23.82 21.07
C5 NAG F . -3.28 24.61 19.75
C6 NAG F . -1.93 25.31 19.57
C7 NAG F . -6.60 20.42 20.00
C8 NAG F . -8.05 20.10 20.23
N2 NAG F . -6.32 21.72 19.85
O3 NAG F . -4.50 22.01 22.16
O4 NAG F . -3.37 24.69 22.20
O5 NAG F . -3.49 23.75 18.64
O6 NAG F . -0.91 24.35 19.55
O7 NAG F . -5.77 19.52 19.96
C1 NAG F . -2.10 24.67 22.90
C2 NAG F . -2.16 25.70 24.04
C3 NAG F . -1.17 25.44 25.20
C4 NAG F . -0.91 23.97 25.54
C5 NAG F . -1.56 22.93 24.61
C6 NAG F . -2.92 22.45 25.12
C7 NAG F . -2.78 27.77 22.82
C8 NAG F . -2.21 28.85 21.96
N2 NAG F . -1.90 27.04 23.51
O3 NAG F . -1.67 26.10 26.35
O4 NAG F . 0.48 23.74 25.59
O5 NAG F . -1.63 23.36 23.24
O6 NAG F . -2.77 21.18 25.73
O7 NAG F . -4.01 27.60 22.85
C1 BMA F . 0.37 24.98 19.75
C2 BMA F . 1.36 23.96 20.34
C3 BMA F . 1.94 23.00 19.29
C4 BMA F . 2.16 23.67 17.94
C5 BMA F . 2.11 25.20 18.08
C6 BMA F . 2.44 25.89 16.76
O2 BMA F . 0.75 23.22 21.38
O3 BMA F . 1.08 21.89 19.13
O4 BMA F . 3.38 23.25 17.41
O5 BMA F . 0.85 25.61 18.57
O6 BMA F . 1.67 27.07 16.60
CA CA G . -17.60 -21.67 -17.52
S SO4 H . 19.03 -18.37 -10.93
O1 SO4 H . 19.86 -17.16 -10.87
O2 SO4 H . 19.13 -19.09 -9.66
O3 SO4 H . 17.64 -18.01 -11.21
O4 SO4 H . 19.52 -19.24 -11.98
S SO4 I . -1.04 -5.76 3.07
O1 SO4 I . 0.37 -6.07 3.29
O2 SO4 I . -1.86 -6.85 3.62
O3 SO4 I . -1.37 -4.52 3.78
O4 SO4 I . -1.31 -5.61 1.65
S SO4 J . 11.89 20.55 15.97
O1 SO4 J . 11.01 20.84 17.10
O2 SO4 J . 12.59 19.29 16.18
O3 SO4 J . 11.09 20.46 14.76
O4 SO4 J . 12.87 21.62 15.85
S SO4 K . 9.43 -18.03 13.41
O1 SO4 K . 8.29 -17.29 13.95
O2 SO4 K . 10.19 -18.60 14.53
O3 SO4 K . 8.96 -19.12 12.54
O4 SO4 K . 10.28 -17.14 12.63
S SO4 L . -2.76 -0.46 6.15
O1 SO4 L . -2.25 0.70 6.87
O2 SO4 L . -3.80 -1.11 6.95
O3 SO4 L . -3.34 -0.02 4.87
O4 SO4 L . -1.67 -1.39 5.90
S SO4 M . -6.12 -2.37 1.22
O1 SO4 M . -5.61 -1.88 2.49
O2 SO4 M . -6.96 -3.54 1.44
O3 SO4 M . -6.91 -1.31 0.58
O4 SO4 M . -4.99 -2.73 0.35
S SO4 N . -18.06 10.03 -19.95
O1 SO4 N . -17.75 10.61 -18.65
O2 SO4 N . -18.91 8.85 -19.78
O3 SO4 N . -18.74 11.02 -20.76
O4 SO4 N . -16.81 9.63 -20.60
S SO4 O . -12.51 10.87 18.70
O1 SO4 O . -13.72 11.53 19.20
O2 SO4 O . -11.65 10.51 19.83
O3 SO4 O . -12.90 9.66 17.96
O4 SO4 O . -11.78 11.77 17.81
#